data_1EER
#
_entry.id   1EER
#
_cell.length_a   58.400
_cell.length_b   79.300
_cell.length_c   136.500
_cell.angle_alpha   90.00
_cell.angle_beta   90.00
_cell.angle_gamma   90.00
#
_symmetry.space_group_name_H-M   'P 21 21 21'
#
loop_
_entity.id
_entity.type
_entity.pdbx_description
1 polymer ERYTHROPOIETIN
2 polymer 'ERYTHROPOIETIN RECEPTOR'
3 water water
#
loop_
_entity_poly.entity_id
_entity_poly.type
_entity_poly.pdbx_seq_one_letter_code
_entity_poly.pdbx_strand_id
1 'polypeptide(L)'
;APPRLICDSRVLERYLLEAKEAEKITTGCAEHCSLNEKITVPDTKVNFYAWKRMEVGQQAVEVWQGLALLSEAVLRGQAL
LVKSSQPWEPLQLHVDKAVSGLRSLTTLLRALGAQKEAISNSDAASAAPLRTITADTFRKLFRVYSNFLRGKLKLYTGEA
CRTGDR
;
A
2 'polypeptide(L)'
;REFPPPNPDPKFESKAALLAARGPEELLCFTERLEDLVCFWEEAASAGVGPGQYSFSYQLEDEPWKLCRLHQAPTARGAV
RFWCSLPTADTSSFVPLELRVTAASGAPRYHRVIHINEVVLLDAPVGLVARLADESGHVVLRWLPPPETPMTSHIRYEVD
VSAGQGAGSVQRVEILEGRTECVLSNLRGRTRYTFAVRARMAEPSFGGFWSEWSEPVSLLTPSDLDP
;
B,C
#
# COMPACT_ATOMS: atom_id res chain seq x y z
N ALA A 1 -3.54 14.33 18.89
CA ALA A 1 -2.80 13.05 18.72
C ALA A 1 -3.36 12.24 17.57
N PRO A 2 -2.50 11.47 16.87
CA PRO A 2 -2.89 10.64 15.72
C PRO A 2 -4.32 10.10 15.82
N PRO A 3 -5.27 10.74 15.10
CA PRO A 3 -6.70 10.40 15.02
C PRO A 3 -7.06 8.91 14.83
N ARG A 4 -6.25 8.03 15.41
CA ARG A 4 -6.45 6.58 15.33
C ARG A 4 -6.37 5.94 13.94
N LEU A 5 -6.49 4.61 13.95
CA LEU A 5 -6.42 3.71 12.80
C LEU A 5 -6.09 4.19 11.40
N ILE A 6 -6.75 5.22 10.89
CA ILE A 6 -6.43 5.66 9.53
C ILE A 6 -5.15 6.47 9.49
N CYS A 7 -4.72 6.96 10.64
CA CYS A 7 -3.51 7.75 10.74
C CYS A 7 -2.28 6.85 10.73
N ASP A 8 -2.51 5.55 10.64
CA ASP A 8 -1.42 4.59 10.59
C ASP A 8 -1.26 4.28 9.12
N SER A 9 -0.22 4.84 8.52
CA SER A 9 0.06 4.66 7.11
C SER A 9 -0.20 3.24 6.59
N ARG A 10 0.37 2.25 7.27
CA ARG A 10 0.23 0.85 6.88
C ARG A 10 -1.21 0.41 6.79
N VAL A 11 -2.06 0.96 7.65
CA VAL A 11 -3.46 0.61 7.65
C VAL A 11 -4.12 1.12 6.38
N LEU A 12 -3.89 2.39 6.05
CA LEU A 12 -4.48 2.96 4.85
C LEU A 12 -3.84 2.37 3.61
N GLU A 13 -2.53 2.14 3.68
CA GLU A 13 -1.78 1.58 2.56
C GLU A 13 -2.30 0.26 2.03
N ARG A 14 -2.86 -0.56 2.93
CA ARG A 14 -3.38 -1.86 2.51
C ARG A 14 -4.35 -1.69 1.35
N TYR A 15 -5.23 -0.70 1.48
CA TYR A 15 -6.22 -0.44 0.44
C TYR A 15 -5.63 0.17 -0.82
N LEU A 16 -4.67 1.08 -0.65
CA LEU A 16 -4.03 1.70 -1.80
C LEU A 16 -3.34 0.65 -2.67
N LEU A 17 -2.71 -0.34 -2.04
CA LEU A 17 -2.04 -1.38 -2.81
C LEU A 17 -3.05 -2.31 -3.47
N GLU A 18 -4.20 -2.50 -2.81
CA GLU A 18 -5.25 -3.33 -3.38
C GLU A 18 -5.73 -2.66 -4.65
N ALA A 19 -5.99 -1.36 -4.57
CA ALA A 19 -6.48 -0.58 -5.69
C ALA A 19 -5.48 -0.57 -6.86
N LYS A 20 -4.18 -0.53 -6.52
CA LYS A 20 -3.13 -0.54 -7.53
C LYS A 20 -3.20 -1.85 -8.31
N GLU A 21 -3.38 -2.96 -7.59
CA GLU A 21 -3.47 -4.27 -8.23
C GLU A 21 -4.73 -4.34 -9.07
N ALA A 22 -5.82 -3.76 -8.57
CA ALA A 22 -7.07 -3.76 -9.32
C ALA A 22 -6.83 -3.00 -10.62
N GLU A 23 -6.33 -1.78 -10.51
CA GLU A 23 -6.06 -0.95 -11.68
C GLU A 23 -5.09 -1.65 -12.63
N LYS A 24 -4.00 -2.17 -12.09
CA LYS A 24 -3.01 -2.85 -12.92
C LYS A 24 -3.60 -4.02 -13.69
N ILE A 25 -4.37 -4.86 -12.99
CA ILE A 25 -5.00 -6.02 -13.63
C ILE A 25 -6.02 -5.65 -14.71
N THR A 26 -6.75 -4.55 -14.52
CA THR A 26 -7.74 -4.16 -15.52
C THR A 26 -7.13 -3.51 -16.77
N THR A 27 -5.81 -3.40 -16.81
CA THR A 27 -5.17 -2.83 -17.99
C THR A 27 -5.08 -3.92 -19.09
N GLY A 28 -5.25 -5.18 -18.69
CA GLY A 28 -5.21 -6.25 -19.68
C GLY A 28 -6.63 -6.68 -19.99
N CYS A 29 -7.57 -5.77 -19.76
CA CYS A 29 -9.01 -5.99 -19.95
C CYS A 29 -9.46 -6.47 -21.32
N ALA A 30 -9.20 -5.65 -22.34
CA ALA A 30 -9.59 -5.95 -23.72
C ALA A 30 -11.04 -5.53 -23.98
N GLU A 31 -11.84 -6.45 -24.51
CA GLU A 31 -13.24 -6.18 -24.81
C GLU A 31 -14.14 -6.92 -23.83
N HIS A 32 -13.53 -7.48 -22.79
CA HIS A 32 -14.28 -8.25 -21.80
C HIS A 32 -14.59 -7.47 -20.52
N CYS A 33 -14.46 -6.15 -20.58
CA CYS A 33 -14.68 -5.32 -19.39
C CYS A 33 -15.68 -4.17 -19.46
N SER A 34 -16.58 -4.16 -20.44
CA SER A 34 -17.54 -3.07 -20.52
C SER A 34 -18.53 -3.13 -19.36
N LEU A 35 -18.93 -1.95 -18.88
CA LEU A 35 -19.90 -1.84 -17.80
C LEU A 35 -21.28 -1.77 -18.47
N ASN A 36 -21.25 -1.62 -19.79
CA ASN A 36 -22.46 -1.53 -20.60
C ASN A 36 -23.38 -0.40 -20.16
N GLU A 37 -22.76 0.74 -19.86
CA GLU A 37 -23.48 1.94 -19.43
C GLU A 37 -22.46 2.89 -18.79
N LYS A 38 -22.83 4.16 -18.68
CA LYS A 38 -21.95 5.15 -18.08
C LYS A 38 -22.18 5.30 -16.57
N ILE A 39 -21.21 4.84 -15.78
CA ILE A 39 -21.30 4.94 -14.33
C ILE A 39 -20.59 6.22 -13.89
N THR A 40 -21.32 7.10 -13.24
CA THR A 40 -20.74 8.36 -12.76
C THR A 40 -19.67 8.08 -11.72
N VAL A 41 -18.55 8.78 -11.81
CA VAL A 41 -17.45 8.57 -10.88
C VAL A 41 -16.93 9.91 -10.39
N PRO A 42 -16.15 9.92 -9.30
CA PRO A 42 -15.69 11.26 -8.89
C PRO A 42 -14.50 11.72 -9.72
N ASP A 43 -14.10 12.97 -9.54
CA ASP A 43 -12.96 13.49 -10.25
C ASP A 43 -11.80 13.19 -9.33
N THR A 44 -10.71 12.64 -9.86
CA THR A 44 -9.58 12.33 -9.00
C THR A 44 -8.37 13.24 -9.15
N LYS A 45 -8.42 14.18 -10.10
CA LYS A 45 -7.28 15.06 -10.28
C LYS A 45 -7.07 16.01 -9.10
N VAL A 46 -5.80 16.26 -8.81
CA VAL A 46 -5.44 17.18 -7.74
C VAL A 46 -4.42 18.19 -8.27
N ASN A 47 -4.78 19.46 -8.24
CA ASN A 47 -3.88 20.51 -8.68
C ASN A 47 -3.20 20.94 -7.38
N PHE A 48 -1.97 20.50 -7.19
CA PHE A 48 -1.23 20.80 -5.96
C PHE A 48 -1.13 22.27 -5.65
N TYR A 49 -1.08 23.11 -6.69
CA TYR A 49 -1.01 24.54 -6.48
C TYR A 49 -2.32 25.02 -5.85
N ALA A 50 -3.44 24.64 -6.44
CA ALA A 50 -4.74 25.03 -5.91
C ALA A 50 -5.07 24.27 -4.62
N TRP A 51 -4.73 22.99 -4.58
CA TRP A 51 -5.00 22.14 -3.43
C TRP A 51 -4.46 22.69 -2.11
N LYS A 52 -3.19 23.08 -2.07
CA LYS A 52 -2.60 23.60 -0.84
C LYS A 52 -3.03 25.02 -0.50
N ARG A 53 -3.76 25.67 -1.39
CA ARG A 53 -4.22 27.03 -1.15
C ARG A 53 -5.66 27.12 -0.69
N MET A 54 -6.44 26.08 -0.92
CA MET A 54 -7.84 26.11 -0.52
C MET A 54 -8.06 25.81 0.96
N GLU A 55 -9.13 26.36 1.52
CA GLU A 55 -9.47 26.13 2.92
C GLU A 55 -9.32 24.63 3.14
N VAL A 56 -8.60 24.23 4.19
CA VAL A 56 -8.39 22.82 4.46
C VAL A 56 -9.69 22.04 4.60
N GLY A 57 -10.69 22.67 5.19
CA GLY A 57 -11.98 22.02 5.35
C GLY A 57 -12.54 21.53 4.03
N GLN A 58 -12.22 22.23 2.94
CA GLN A 58 -12.68 21.86 1.61
C GLN A 58 -12.04 20.54 1.16
N GLN A 59 -10.89 20.20 1.72
CA GLN A 59 -10.26 18.94 1.36
C GLN A 59 -11.23 17.85 1.85
N ALA A 60 -11.75 18.04 3.06
CA ALA A 60 -12.71 17.12 3.67
C ALA A 60 -13.92 16.95 2.76
N VAL A 61 -14.51 18.06 2.32
CA VAL A 61 -15.67 18.04 1.43
C VAL A 61 -15.40 17.18 0.20
N GLU A 62 -14.32 17.51 -0.51
CA GLU A 62 -13.95 16.76 -1.71
C GLU A 62 -13.82 15.26 -1.49
N VAL A 63 -13.01 14.87 -0.51
CA VAL A 63 -12.77 13.44 -0.24
C VAL A 63 -13.99 12.65 0.23
N TRP A 64 -14.70 13.18 1.22
CA TRP A 64 -15.87 12.51 1.75
C TRP A 64 -16.95 12.31 0.69
N GLN A 65 -17.30 13.38 -0.02
CA GLN A 65 -18.31 13.24 -1.05
C GLN A 65 -17.80 12.39 -2.20
N GLY A 66 -16.55 12.63 -2.62
CA GLY A 66 -15.99 11.86 -3.70
C GLY A 66 -16.02 10.38 -3.43
N LEU A 67 -15.66 10.01 -2.19
CA LEU A 67 -15.63 8.62 -1.75
C LEU A 67 -17.03 8.01 -1.78
N ALA A 68 -18.03 8.80 -1.40
CA ALA A 68 -19.42 8.37 -1.40
C ALA A 68 -19.85 8.01 -2.82
N LEU A 69 -19.54 8.88 -3.78
CA LEU A 69 -19.89 8.66 -5.18
C LEU A 69 -19.18 7.41 -5.68
N LEU A 70 -17.92 7.27 -5.25
CA LEU A 70 -17.09 6.13 -5.62
C LEU A 70 -17.72 4.82 -5.13
N SER A 71 -18.17 4.82 -3.88
CA SER A 71 -18.81 3.64 -3.32
C SER A 71 -20.02 3.24 -4.16
N GLU A 72 -20.80 4.23 -4.56
CA GLU A 72 -21.99 3.98 -5.37
C GLU A 72 -21.58 3.43 -6.73
N ALA A 73 -20.48 3.96 -7.27
CA ALA A 73 -20.00 3.52 -8.57
C ALA A 73 -19.59 2.05 -8.51
N VAL A 74 -18.85 1.70 -7.47
CA VAL A 74 -18.39 0.34 -7.30
C VAL A 74 -19.58 -0.61 -7.03
N LEU A 75 -20.50 -0.18 -6.17
CA LEU A 75 -21.67 -1.00 -5.87
C LEU A 75 -22.42 -1.29 -7.15
N ARG A 76 -22.63 -0.25 -7.97
CA ARG A 76 -23.32 -0.44 -9.24
C ARG A 76 -22.53 -1.42 -10.10
N GLY A 77 -21.20 -1.28 -10.10
CA GLY A 77 -20.38 -2.19 -10.87
C GLY A 77 -20.56 -3.62 -10.41
N GLN A 78 -20.70 -3.78 -9.10
CA GLN A 78 -20.87 -5.09 -8.51
C GLN A 78 -22.18 -5.76 -8.98
N ALA A 79 -23.27 -5.00 -8.96
CA ALA A 79 -24.57 -5.53 -9.38
C ALA A 79 -24.61 -5.76 -10.89
N LEU A 80 -23.93 -4.91 -11.64
CA LEU A 80 -23.89 -5.05 -13.08
C LEU A 80 -23.14 -6.33 -13.43
N LEU A 81 -22.19 -6.67 -12.57
CA LEU A 81 -21.38 -7.87 -12.76
C LEU A 81 -22.13 -9.12 -12.33
N VAL A 82 -22.95 -9.01 -11.29
CA VAL A 82 -23.71 -10.16 -10.81
C VAL A 82 -24.61 -10.65 -11.95
N LYS A 83 -25.02 -9.71 -12.79
CA LYS A 83 -25.86 -10.03 -13.93
C LYS A 83 -25.01 -10.42 -15.13
N SER A 84 -25.51 -11.38 -15.91
CA SER A 84 -24.82 -11.87 -17.10
C SER A 84 -23.76 -12.91 -16.80
N SER A 85 -23.32 -13.58 -17.86
CA SER A 85 -22.28 -14.60 -17.80
C SER A 85 -21.11 -14.02 -18.58
N GLN A 86 -21.05 -12.68 -18.61
CA GLN A 86 -20.01 -11.93 -19.30
C GLN A 86 -18.62 -12.41 -18.92
N PRO A 87 -17.60 -12.03 -19.71
CA PRO A 87 -16.20 -12.42 -19.47
C PRO A 87 -15.50 -11.95 -18.18
N TRP A 88 -14.19 -11.80 -18.32
CA TRP A 88 -13.29 -11.37 -17.26
C TRP A 88 -13.48 -11.99 -15.88
N GLU A 89 -12.82 -13.12 -15.68
CA GLU A 89 -12.84 -13.87 -14.43
C GLU A 89 -12.16 -13.11 -13.28
N PRO A 90 -11.15 -12.27 -13.58
CA PRO A 90 -10.45 -11.53 -12.52
C PRO A 90 -11.29 -10.47 -11.81
N LEU A 91 -12.19 -9.84 -12.55
CA LEU A 91 -13.03 -8.77 -12.03
C LEU A 91 -13.69 -8.99 -10.67
N GLN A 92 -14.30 -10.15 -10.47
CA GLN A 92 -15.00 -10.43 -9.23
C GLN A 92 -14.31 -10.10 -7.91
N LEU A 93 -13.15 -10.69 -7.65
CA LEU A 93 -12.47 -10.44 -6.38
C LEU A 93 -12.04 -9.00 -6.18
N HIS A 94 -11.60 -8.34 -7.25
CA HIS A 94 -11.17 -6.95 -7.16
C HIS A 94 -12.35 -6.08 -6.78
N VAL A 95 -13.53 -6.41 -7.30
CA VAL A 95 -14.74 -5.65 -6.99
C VAL A 95 -15.17 -5.89 -5.54
N ASP A 96 -15.07 -7.15 -5.10
CA ASP A 96 -15.45 -7.53 -3.75
C ASP A 96 -14.50 -6.86 -2.75
N LYS A 97 -13.24 -6.75 -3.11
CA LYS A 97 -12.27 -6.09 -2.24
C LYS A 97 -12.56 -4.57 -2.20
N ALA A 98 -12.94 -4.02 -3.34
CA ALA A 98 -13.25 -2.59 -3.47
C ALA A 98 -14.47 -2.24 -2.63
N VAL A 99 -15.53 -3.03 -2.76
CA VAL A 99 -16.74 -2.79 -1.98
C VAL A 99 -16.37 -2.90 -0.49
N SER A 100 -15.58 -3.91 -0.18
CA SER A 100 -15.14 -4.16 1.19
C SER A 100 -14.22 -3.05 1.68
N GLY A 101 -13.23 -2.71 0.86
CA GLY A 101 -12.29 -1.67 1.21
C GLY A 101 -12.92 -0.30 1.37
N LEU A 102 -13.77 0.08 0.40
CA LEU A 102 -14.45 1.38 0.44
C LEU A 102 -15.30 1.49 1.69
N ARG A 103 -15.88 0.37 2.10
CA ARG A 103 -16.72 0.37 3.29
C ARG A 103 -15.87 0.68 4.52
N SER A 104 -14.69 0.09 4.58
CA SER A 104 -13.79 0.31 5.71
C SER A 104 -13.28 1.75 5.71
N LEU A 105 -12.86 2.22 4.54
CA LEU A 105 -12.34 3.57 4.41
C LEU A 105 -13.39 4.60 4.81
N THR A 106 -14.64 4.37 4.44
CA THR A 106 -15.73 5.29 4.80
C THR A 106 -15.86 5.42 6.32
N THR A 107 -15.78 4.29 7.02
CA THR A 107 -15.89 4.29 8.46
C THR A 107 -14.65 4.97 9.03
N LEU A 108 -13.50 4.63 8.47
CA LEU A 108 -12.22 5.19 8.88
C LEU A 108 -12.16 6.73 8.74
N LEU A 109 -12.66 7.24 7.62
CA LEU A 109 -12.67 8.68 7.36
C LEU A 109 -13.53 9.47 8.32
N ARG A 110 -14.72 8.95 8.59
CA ARG A 110 -15.66 9.60 9.48
C ARG A 110 -15.03 9.81 10.83
N ALA A 111 -14.39 8.78 11.35
CA ALA A 111 -13.74 8.87 12.65
C ALA A 111 -12.71 9.98 12.60
N LEU A 112 -12.18 10.22 11.40
CA LEU A 112 -11.20 11.26 11.19
C LEU A 112 -11.87 12.65 11.21
N GLY A 113 -13.19 12.66 11.13
CA GLY A 113 -13.91 13.93 11.16
C GLY A 113 -14.29 14.43 9.79
N ALA A 114 -13.99 13.62 8.77
CA ALA A 114 -14.26 13.94 7.37
C ALA A 114 -15.73 14.22 7.06
N GLN A 115 -16.61 13.34 7.54
CA GLN A 115 -18.04 13.52 7.29
C GLN A 115 -18.60 14.76 7.98
N LYS A 116 -18.16 15.01 9.20
CA LYS A 116 -18.62 16.17 9.96
C LYS A 116 -18.18 17.46 9.27
N GLU A 117 -16.88 17.56 8.96
CA GLU A 117 -16.31 18.73 8.32
C GLU A 117 -16.91 18.94 6.93
N ALA A 118 -17.05 17.87 6.17
CA ALA A 118 -17.61 17.95 4.83
C ALA A 118 -19.04 18.49 4.81
N ILE A 119 -19.86 18.09 5.79
CA ILE A 119 -21.25 18.54 5.83
C ILE A 119 -21.41 20.03 6.21
N SER A 120 -20.54 20.51 7.10
CA SER A 120 -20.59 21.90 7.53
C SER A 120 -19.97 22.83 6.50
N ASN A 121 -18.79 22.46 6.01
CA ASN A 121 -18.08 23.27 5.01
C ASN A 121 -18.90 23.31 3.74
N SER A 122 -19.92 22.45 3.67
CA SER A 122 -20.79 22.34 2.51
C SER A 122 -22.24 22.66 2.84
N ASP A 123 -22.48 23.44 3.89
CA ASP A 123 -23.86 23.75 4.29
C ASP A 123 -24.46 25.01 3.66
N ALA A 124 -23.75 25.62 2.71
CA ALA A 124 -24.22 26.82 2.02
C ALA A 124 -24.41 26.50 0.55
N ALA A 125 -25.38 27.14 -0.09
CA ALA A 125 -25.64 26.90 -1.50
C ALA A 125 -24.38 27.18 -2.31
N SER A 126 -24.18 26.46 -3.40
CA SER A 126 -23.02 26.67 -4.25
C SER A 126 -23.37 26.51 -5.73
N ALA A 127 -22.34 26.48 -6.58
CA ALA A 127 -22.51 26.34 -8.01
C ALA A 127 -22.72 24.89 -8.42
N ALA A 128 -23.56 24.69 -9.43
CA ALA A 128 -23.87 23.36 -9.95
C ALA A 128 -22.63 22.49 -10.03
N PRO A 129 -22.79 21.17 -9.85
CA PRO A 129 -21.63 20.29 -9.92
C PRO A 129 -20.68 20.75 -11.01
N LEU A 130 -21.24 20.98 -12.20
CA LEU A 130 -20.45 21.42 -13.34
C LEU A 130 -19.20 20.55 -13.48
N ARG A 131 -19.38 19.33 -13.97
CA ARG A 131 -18.29 18.39 -14.16
C ARG A 131 -18.84 17.08 -14.74
N THR A 132 -19.25 16.18 -13.86
CA THR A 132 -19.78 14.87 -14.23
C THR A 132 -18.88 14.01 -15.12
N ILE A 133 -18.06 13.20 -14.45
CA ILE A 133 -17.15 12.29 -15.11
C ILE A 133 -17.79 10.92 -15.01
N THR A 134 -17.56 10.09 -16.01
CA THR A 134 -18.12 8.75 -16.00
C THR A 134 -17.15 7.74 -16.58
N ALA A 135 -17.49 6.47 -16.43
CA ALA A 135 -16.69 5.37 -16.95
C ALA A 135 -17.66 4.32 -17.51
N ASP A 136 -17.22 3.61 -18.55
CA ASP A 136 -18.05 2.57 -19.14
C ASP A 136 -17.26 1.26 -19.23
N THR A 137 -16.17 1.18 -18.50
CA THR A 137 -15.34 -0.02 -18.44
C THR A 137 -14.89 -0.18 -17.00
N PHE A 138 -14.53 -1.41 -16.62
CA PHE A 138 -14.08 -1.67 -15.27
C PHE A 138 -12.68 -1.11 -15.11
N ARG A 139 -11.99 -0.99 -16.26
CA ARG A 139 -10.64 -0.46 -16.29
C ARG A 139 -10.61 0.98 -15.80
N LYS A 140 -11.49 1.83 -16.33
CA LYS A 140 -11.53 3.21 -15.88
C LYS A 140 -12.02 3.28 -14.46
N LEU A 141 -12.97 2.43 -14.10
CA LEU A 141 -13.53 2.39 -12.75
C LEU A 141 -12.41 2.12 -11.74
N PHE A 142 -11.63 1.10 -12.00
CA PHE A 142 -10.55 0.75 -11.10
C PHE A 142 -9.39 1.74 -11.12
N ARG A 143 -9.11 2.34 -12.27
CA ARG A 143 -8.03 3.33 -12.35
C ARG A 143 -8.43 4.53 -11.49
N VAL A 144 -9.72 4.88 -11.55
CA VAL A 144 -10.24 6.01 -10.78
C VAL A 144 -10.19 5.65 -9.27
N TYR A 145 -10.52 4.40 -8.96
CA TYR A 145 -10.52 3.90 -7.59
C TYR A 145 -9.12 4.11 -7.00
N SER A 146 -8.09 3.69 -7.73
CA SER A 146 -6.69 3.84 -7.29
C SER A 146 -6.25 5.31 -7.23
N ASN A 147 -6.51 6.07 -8.28
CA ASN A 147 -6.11 7.47 -8.31
C ASN A 147 -6.74 8.27 -7.19
N PHE A 148 -7.99 7.92 -6.84
CA PHE A 148 -8.68 8.63 -5.75
C PHE A 148 -8.11 8.34 -4.37
N LEU A 149 -7.92 7.06 -4.05
CA LEU A 149 -7.39 6.67 -2.75
C LEU A 149 -5.94 7.10 -2.57
N ARG A 150 -5.15 6.90 -3.62
CA ARG A 150 -3.74 7.24 -3.54
C ARG A 150 -3.52 8.73 -3.72
N GLY A 151 -4.57 9.41 -4.17
CA GLY A 151 -4.49 10.85 -4.41
C GLY A 151 -5.01 11.75 -3.31
N LYS A 152 -6.12 12.43 -3.59
CA LYS A 152 -6.69 13.35 -2.61
C LYS A 152 -7.07 12.67 -1.30
N LEU A 153 -7.44 11.40 -1.33
CA LEU A 153 -7.77 10.72 -0.09
C LEU A 153 -6.51 10.67 0.77
N LYS A 154 -5.44 10.15 0.20
CA LYS A 154 -4.17 10.07 0.92
C LYS A 154 -3.75 11.46 1.36
N LEU A 155 -3.84 12.43 0.44
CA LEU A 155 -3.45 13.81 0.75
C LEU A 155 -4.24 14.38 1.92
N TYR A 156 -5.56 14.22 1.87
CA TYR A 156 -6.40 14.71 2.94
C TYR A 156 -6.02 14.03 4.27
N THR A 157 -5.94 12.70 4.24
CA THR A 157 -5.61 11.93 5.43
C THR A 157 -4.25 12.33 6.05
N GLY A 158 -3.27 12.59 5.19
CA GLY A 158 -1.96 12.98 5.67
C GLY A 158 -1.99 14.27 6.49
N GLU A 159 -2.67 15.28 5.98
CA GLU A 159 -2.74 16.55 6.69
C GLU A 159 -3.60 16.49 7.95
N ALA A 160 -4.75 15.84 7.84
CA ALA A 160 -5.70 15.75 8.96
C ALA A 160 -5.14 15.01 10.18
N CYS A 161 -4.26 14.07 9.94
CA CYS A 161 -3.68 13.29 11.03
C CYS A 161 -2.76 14.09 11.92
N ARG A 162 -2.16 15.15 11.36
CA ARG A 162 -1.27 16.00 12.14
C ARG A 162 -2.18 16.97 12.91
N THR A 163 -2.79 16.46 13.99
CA THR A 163 -3.70 17.28 14.79
C THR A 163 -3.57 17.11 16.31
N GLY A 164 -2.66 17.86 16.91
CA GLY A 164 -2.48 17.82 18.35
C GLY A 164 -3.46 18.81 18.94
N ASP A 165 -2.99 19.62 19.91
CA ASP A 165 -3.85 20.62 20.54
C ASP A 165 -3.15 21.99 20.60
N ARG A 166 -3.84 23.04 20.13
CA ARG A 166 -3.29 24.39 20.14
C ARG A 166 -4.37 25.46 20.18
N ASP B 9 17.35 28.09 -16.24
CA ASP B 9 17.24 26.65 -16.01
C ASP B 9 18.54 26.25 -15.30
N PRO B 10 18.72 26.70 -14.04
CA PRO B 10 19.93 26.40 -13.25
C PRO B 10 19.93 24.97 -12.71
N LYS B 11 19.49 24.81 -11.46
CA LYS B 11 19.41 23.50 -10.83
C LYS B 11 18.52 22.67 -11.75
N PHE B 12 17.75 23.38 -12.57
CA PHE B 12 16.86 22.77 -13.54
C PHE B 12 17.71 22.07 -14.61
N GLU B 13 18.69 22.80 -15.15
CA GLU B 13 19.57 22.25 -16.19
C GLU B 13 20.23 20.95 -15.76
N SER B 14 20.72 20.92 -14.52
CA SER B 14 21.37 19.72 -14.00
C SER B 14 20.35 18.59 -13.99
N LYS B 15 19.15 18.90 -13.50
CA LYS B 15 18.08 17.90 -13.43
C LYS B 15 17.74 17.45 -14.84
N ALA B 16 17.67 18.42 -15.75
CA ALA B 16 17.35 18.12 -17.14
C ALA B 16 18.49 17.24 -17.66
N ALA B 17 19.71 17.63 -17.32
CA ALA B 17 20.92 16.91 -17.76
C ALA B 17 20.93 15.50 -17.20
N LEU B 18 20.56 15.37 -15.93
CA LEU B 18 20.51 14.07 -15.25
C LEU B 18 19.57 13.09 -15.98
N LEU B 19 18.38 13.57 -16.33
CA LEU B 19 17.38 12.75 -17.02
C LEU B 19 17.76 12.41 -18.45
N ALA B 20 18.36 13.38 -19.14
CA ALA B 20 18.78 13.18 -20.52
C ALA B 20 19.96 12.22 -20.52
N ALA B 21 20.94 12.51 -19.69
CA ALA B 21 22.13 11.68 -19.56
C ALA B 21 21.80 10.21 -19.42
N ARG B 22 20.61 9.91 -18.90
CA ARG B 22 20.18 8.53 -18.70
C ARG B 22 19.06 8.11 -19.65
N GLY B 23 18.46 9.07 -20.35
CA GLY B 23 17.37 8.73 -21.25
C GLY B 23 17.38 9.48 -22.56
N PRO B 24 18.45 9.37 -23.36
CA PRO B 24 18.55 10.06 -24.65
C PRO B 24 17.66 9.49 -25.74
N GLU B 25 17.16 10.37 -26.61
CA GLU B 25 16.31 10.00 -27.74
C GLU B 25 14.81 10.05 -27.47
N GLU B 26 14.40 9.97 -26.21
CA GLU B 26 12.97 10.00 -25.91
C GLU B 26 12.48 11.25 -25.20
N LEU B 27 11.16 11.42 -25.17
CA LEU B 27 10.53 12.57 -24.53
C LEU B 27 10.49 12.37 -23.02
N LEU B 28 11.22 13.21 -22.30
CA LEU B 28 11.27 13.11 -20.85
C LEU B 28 10.50 14.23 -20.17
N CYS B 29 9.61 13.85 -19.27
CA CYS B 29 8.82 14.82 -18.54
C CYS B 29 9.10 14.63 -17.05
N PHE B 30 9.15 15.73 -16.32
CA PHE B 30 9.40 15.62 -14.91
C PHE B 30 8.82 16.79 -14.14
N THR B 31 8.63 16.58 -12.84
CA THR B 31 8.09 17.59 -11.96
C THR B 31 9.01 17.62 -10.73
N GLU B 32 9.15 18.80 -10.13
CA GLU B 32 10.00 18.91 -8.96
C GLU B 32 9.20 19.22 -7.71
N ARG B 33 8.12 19.98 -7.88
CA ARG B 33 7.29 20.37 -6.74
C ARG B 33 5.82 19.99 -6.94
N LEU B 34 5.56 19.07 -7.86
CA LEU B 34 4.20 18.60 -8.16
C LEU B 34 3.31 19.74 -8.63
N GLU B 35 3.79 20.96 -8.52
CA GLU B 35 3.05 22.15 -8.94
C GLU B 35 3.52 22.54 -10.33
N ASP B 36 4.58 21.86 -10.78
CA ASP B 36 5.20 22.14 -12.06
C ASP B 36 5.39 20.87 -12.89
N LEU B 37 5.65 21.06 -14.18
CA LEU B 37 5.88 19.96 -15.09
C LEU B 37 6.57 20.45 -16.35
N VAL B 38 7.64 19.76 -16.74
CA VAL B 38 8.39 20.11 -17.92
C VAL B 38 8.68 18.90 -18.78
N CYS B 39 8.24 18.97 -20.02
CA CYS B 39 8.49 17.90 -20.97
C CYS B 39 9.47 18.48 -21.98
N PHE B 40 10.46 17.69 -22.34
CA PHE B 40 11.45 18.18 -23.26
C PHE B 40 12.12 17.06 -24.01
N TRP B 41 13.07 17.45 -24.85
CA TRP B 41 13.86 16.52 -25.64
C TRP B 41 14.94 17.27 -26.40
N GLU B 42 15.95 16.53 -26.84
CA GLU B 42 17.06 17.12 -27.57
C GLU B 42 17.10 16.55 -28.99
N GLU B 43 17.32 17.43 -29.94
CA GLU B 43 17.36 17.05 -31.34
C GLU B 43 18.79 16.91 -31.87
N ALA B 44 19.08 15.74 -32.41
CA ALA B 44 20.37 15.46 -33.01
C ALA B 44 20.08 15.79 -34.48
N ALA B 45 19.22 16.78 -34.65
CA ALA B 45 18.78 17.25 -35.96
C ALA B 45 18.58 18.76 -35.85
N SER B 46 19.48 19.53 -36.47
CA SER B 46 19.41 20.99 -36.45
C SER B 46 19.22 21.59 -37.84
N ALA B 47 19.20 22.93 -37.93
CA ALA B 47 19.03 23.67 -39.18
C ALA B 47 17.77 23.27 -39.97
N GLY B 48 16.84 24.22 -40.12
CA GLY B 48 15.60 23.95 -40.83
C GLY B 48 14.50 23.65 -39.82
N VAL B 49 14.94 23.32 -38.60
CA VAL B 49 14.04 23.03 -37.49
C VAL B 49 13.76 24.33 -36.74
N GLY B 50 12.80 25.10 -37.23
CA GLY B 50 12.47 26.37 -36.61
C GLY B 50 11.59 26.22 -35.38
N PRO B 51 11.18 27.32 -34.76
CA PRO B 51 10.33 27.25 -33.56
C PRO B 51 8.94 26.68 -33.86
N GLY B 52 8.55 26.69 -35.13
CA GLY B 52 7.26 26.16 -35.51
C GLY B 52 7.41 24.79 -36.14
N GLN B 53 8.54 24.15 -35.85
CA GLN B 53 8.85 22.84 -36.38
C GLN B 53 8.04 21.76 -35.69
N TYR B 54 7.56 22.06 -34.49
CA TYR B 54 6.79 21.09 -33.73
C TYR B 54 5.59 21.69 -33.03
N SER B 55 4.54 20.88 -32.89
CA SER B 55 3.31 21.26 -32.21
C SER B 55 3.16 20.36 -30.95
N PHE B 56 3.04 20.98 -29.79
CA PHE B 56 2.92 20.24 -28.53
C PHE B 56 1.51 20.23 -27.89
N SER B 57 0.77 19.16 -28.11
CA SER B 57 -0.57 19.01 -27.55
C SER B 57 -0.63 18.11 -26.32
N TYR B 58 -1.55 18.43 -25.40
CA TYR B 58 -1.73 17.64 -24.19
C TYR B 58 -3.19 17.62 -23.74
N GLN B 59 -3.58 16.55 -23.07
CA GLN B 59 -4.94 16.46 -22.59
C GLN B 59 -5.09 15.73 -21.25
N LEU B 60 -5.53 16.48 -20.24
CA LEU B 60 -5.76 15.89 -18.92
C LEU B 60 -7.04 15.12 -19.18
N GLU B 61 -7.15 13.92 -18.63
CA GLU B 61 -8.35 13.13 -18.86
C GLU B 61 -9.62 13.95 -18.59
N ASP B 62 -10.62 13.75 -19.44
CA ASP B 62 -11.91 14.45 -19.35
C ASP B 62 -11.76 15.97 -19.41
N GLU B 63 -10.69 16.42 -20.07
CA GLU B 63 -10.41 17.84 -20.27
C GLU B 63 -10.23 18.04 -21.76
N PRO B 64 -10.46 19.26 -22.26
CA PRO B 64 -10.29 19.48 -23.69
C PRO B 64 -8.81 19.52 -24.08
N TRP B 65 -8.53 19.20 -25.34
CA TRP B 65 -7.15 19.23 -25.82
C TRP B 65 -6.61 20.66 -25.69
N LYS B 66 -5.32 20.76 -25.42
CA LYS B 66 -4.69 22.06 -25.29
C LYS B 66 -3.31 22.01 -25.91
N LEU B 67 -2.81 23.17 -26.33
CA LEU B 67 -1.49 23.26 -26.93
C LEU B 67 -0.57 23.96 -25.93
N CYS B 68 0.67 23.52 -25.85
CA CYS B 68 1.61 24.13 -24.93
C CYS B 68 2.62 24.92 -25.72
N ARG B 69 3.05 26.05 -25.18
CA ARG B 69 4.05 26.88 -25.86
C ARG B 69 5.39 26.17 -25.82
N LEU B 70 5.94 25.93 -27.00
CA LEU B 70 7.23 25.27 -27.10
C LEU B 70 8.38 26.27 -26.86
N HIS B 71 9.54 25.76 -26.51
CA HIS B 71 10.72 26.59 -26.26
C HIS B 71 11.93 25.85 -26.82
N GLN B 72 12.92 26.62 -27.25
CA GLN B 72 14.14 26.03 -27.81
C GLN B 72 15.40 26.76 -27.35
N ALA B 73 16.51 26.04 -27.33
CA ALA B 73 17.78 26.62 -26.90
C ALA B 73 18.94 25.68 -27.25
N PRO B 74 20.09 26.24 -27.67
CA PRO B 74 21.26 25.41 -28.01
C PRO B 74 21.52 24.42 -26.88
N THR B 75 21.94 23.20 -27.22
CA THR B 75 22.17 22.20 -26.20
C THR B 75 23.31 21.21 -26.50
N ALA B 76 23.68 20.46 -25.47
CA ALA B 76 24.72 19.44 -25.54
C ALA B 76 25.80 19.73 -26.58
N ARG B 77 26.00 18.77 -27.49
CA ARG B 77 26.98 18.89 -28.55
C ARG B 77 26.27 19.07 -29.89
N GLY B 78 26.16 20.32 -30.34
CA GLY B 78 25.50 20.60 -31.60
C GLY B 78 24.09 20.05 -31.67
N ALA B 79 23.30 20.36 -30.63
CA ALA B 79 21.92 19.90 -30.56
C ALA B 79 21.03 21.00 -30.00
N VAL B 80 19.73 20.76 -30.06
CA VAL B 80 18.77 21.73 -29.55
C VAL B 80 17.80 21.01 -28.61
N ARG B 81 17.39 21.71 -27.56
CA ARG B 81 16.47 21.16 -26.59
C ARG B 81 15.13 21.86 -26.64
N PHE B 82 14.09 21.10 -26.97
CA PHE B 82 12.74 21.63 -27.02
C PHE B 82 12.11 21.36 -25.69
N TRP B 83 11.31 22.32 -25.21
CA TRP B 83 10.66 22.13 -23.95
C TRP B 83 9.34 22.88 -23.87
N CYS B 84 8.49 22.43 -22.97
CA CYS B 84 7.20 23.04 -22.75
C CYS B 84 7.02 23.11 -21.23
N SER B 85 6.73 24.31 -20.74
CA SER B 85 6.50 24.46 -19.32
C SER B 85 4.99 24.47 -19.20
N LEU B 86 4.46 23.36 -18.70
CA LEU B 86 3.03 23.22 -18.54
C LEU B 86 2.43 24.31 -17.67
N PRO B 87 1.37 24.97 -18.16
CA PRO B 87 0.76 26.01 -17.33
C PRO B 87 0.38 25.36 -16.00
N THR B 88 0.58 26.07 -14.90
CA THR B 88 0.26 25.50 -13.60
C THR B 88 -1.20 25.02 -13.50
N ALA B 89 -2.12 25.77 -14.09
CA ALA B 89 -3.54 25.42 -14.05
C ALA B 89 -3.85 24.00 -14.53
N ASP B 90 -3.03 23.48 -15.45
CA ASP B 90 -3.25 22.15 -15.98
C ASP B 90 -2.28 21.11 -15.42
N THR B 91 -1.42 21.50 -14.50
CA THR B 91 -0.48 20.52 -13.93
C THR B 91 -1.14 19.79 -12.76
N SER B 92 -2.18 19.01 -13.07
CA SER B 92 -2.91 18.26 -12.07
C SER B 92 -2.49 16.79 -12.05
N SER B 93 -2.29 16.27 -10.84
CA SER B 93 -1.87 14.88 -10.66
C SER B 93 -3.06 13.94 -10.48
N PHE B 94 -2.73 12.66 -10.31
CA PHE B 94 -3.71 11.61 -10.09
C PHE B 94 -4.78 11.49 -11.15
N VAL B 95 -4.42 11.86 -12.36
CA VAL B 95 -5.31 11.78 -13.50
C VAL B 95 -4.44 11.65 -14.75
N PRO B 96 -4.83 10.80 -15.70
CA PRO B 96 -4.06 10.60 -16.93
C PRO B 96 -3.85 11.88 -17.75
N LEU B 97 -2.63 12.08 -18.21
CA LEU B 97 -2.24 13.24 -19.01
C LEU B 97 -1.67 12.73 -20.33
N GLU B 98 -2.42 12.90 -21.41
CA GLU B 98 -1.95 12.45 -22.71
C GLU B 98 -1.15 13.56 -23.39
N LEU B 99 0.03 13.19 -23.89
CA LEU B 99 0.89 14.16 -24.55
C LEU B 99 1.10 13.79 -26.00
N ARG B 100 1.16 14.79 -26.88
CA ARG B 100 1.38 14.53 -28.28
C ARG B 100 2.24 15.60 -28.91
N VAL B 101 3.37 15.19 -29.44
CA VAL B 101 4.29 16.09 -30.10
C VAL B 101 4.25 15.76 -31.58
N THR B 102 3.95 16.76 -32.40
CA THR B 102 3.86 16.56 -33.83
C THR B 102 4.72 17.54 -34.64
N ALA B 103 5.36 17.01 -35.67
CA ALA B 103 6.21 17.82 -36.54
C ALA B 103 5.31 18.77 -37.30
N ALA B 104 5.88 19.85 -37.81
CA ALA B 104 5.12 20.84 -38.56
C ALA B 104 4.49 20.21 -39.80
N SER B 105 5.08 19.11 -40.26
CA SER B 105 4.59 18.40 -41.43
C SER B 105 3.43 17.46 -41.10
N GLY B 106 3.05 17.42 -39.83
CA GLY B 106 1.98 16.53 -39.40
C GLY B 106 2.50 15.15 -39.04
N ALA B 107 3.83 15.04 -38.92
CA ALA B 107 4.47 13.78 -38.57
C ALA B 107 4.48 13.63 -37.06
N PRO B 108 4.22 12.41 -36.55
CA PRO B 108 4.19 12.14 -35.11
C PRO B 108 5.56 11.85 -34.51
N ARG B 109 6.06 12.78 -33.70
CA ARG B 109 7.35 12.60 -33.07
C ARG B 109 7.23 11.76 -31.80
N TYR B 110 6.41 12.21 -30.85
CA TYR B 110 6.20 11.48 -29.60
C TYR B 110 4.73 11.41 -29.24
N HIS B 111 4.42 10.44 -28.38
CA HIS B 111 3.07 10.24 -27.87
C HIS B 111 3.15 9.46 -26.58
N ARG B 112 2.59 10.03 -25.52
CA ARG B 112 2.64 9.38 -24.22
C ARG B 112 1.48 9.77 -23.35
N VAL B 113 1.33 9.00 -22.27
CA VAL B 113 0.32 9.24 -21.25
C VAL B 113 1.09 9.03 -19.96
N ILE B 114 1.02 9.99 -19.06
CA ILE B 114 1.73 9.88 -17.82
C ILE B 114 0.88 10.49 -16.71
N HIS B 115 1.35 10.33 -15.48
CA HIS B 115 0.70 10.90 -14.32
C HIS B 115 1.77 11.79 -13.73
N ILE B 116 1.44 13.06 -13.56
CA ILE B 116 2.38 14.04 -13.01
C ILE B 116 3.00 13.56 -11.70
N ASN B 117 2.20 12.88 -10.88
CA ASN B 117 2.69 12.37 -9.61
C ASN B 117 3.66 11.22 -9.78
N GLU B 118 3.77 10.70 -11.01
CA GLU B 118 4.65 9.57 -11.29
C GLU B 118 5.96 9.91 -11.99
N VAL B 119 6.25 11.20 -12.13
CA VAL B 119 7.47 11.66 -12.80
C VAL B 119 8.14 12.74 -11.96
N VAL B 120 8.24 12.50 -10.65
CA VAL B 120 8.87 13.48 -9.78
C VAL B 120 10.39 13.25 -9.74
N LEU B 121 11.13 14.35 -9.72
CA LEU B 121 12.59 14.30 -9.65
C LEU B 121 12.97 15.31 -8.59
N LEU B 122 13.45 14.80 -7.45
CA LEU B 122 13.81 15.66 -6.34
C LEU B 122 15.28 16.08 -6.31
N ASP B 123 15.59 16.99 -5.38
CA ASP B 123 16.95 17.45 -5.19
C ASP B 123 17.61 16.32 -4.43
N ALA B 124 18.94 16.25 -4.44
CA ALA B 124 19.62 15.19 -3.72
C ALA B 124 19.53 15.38 -2.21
N PRO B 125 19.61 14.28 -1.45
CA PRO B 125 19.53 14.41 0.01
C PRO B 125 20.80 15.14 0.48
N VAL B 126 20.86 15.53 1.75
CA VAL B 126 22.02 16.24 2.26
C VAL B 126 22.46 15.82 3.67
N GLY B 127 23.49 16.49 4.19
CA GLY B 127 23.99 16.20 5.52
C GLY B 127 24.29 14.75 5.82
N LEU B 128 24.88 14.04 4.85
CA LEU B 128 25.24 12.63 5.04
C LEU B 128 26.33 12.55 6.10
N VAL B 129 26.26 11.54 6.96
CA VAL B 129 27.25 11.38 8.01
C VAL B 129 27.58 9.90 8.23
N ALA B 130 28.74 9.48 7.73
CA ALA B 130 29.18 8.10 7.87
C ALA B 130 30.02 7.94 9.13
N ARG B 131 29.69 6.92 9.91
CA ARG B 131 30.40 6.67 11.16
C ARG B 131 30.54 5.16 11.38
N LEU B 132 31.50 4.78 12.23
CA LEU B 132 31.73 3.37 12.51
C LEU B 132 30.95 2.88 13.72
N ALA B 133 30.84 1.56 13.85
CA ALA B 133 30.12 0.96 14.96
C ALA B 133 30.97 -0.07 15.68
N ASP B 134 31.01 0.04 17.01
CA ASP B 134 31.78 -0.89 17.83
C ASP B 134 31.20 -2.31 17.68
N GLU B 135 30.25 -2.45 16.75
CA GLU B 135 29.59 -3.73 16.50
C GLU B 135 29.91 -4.28 15.11
N SER B 136 29.20 -5.35 14.72
CA SER B 136 29.38 -6.00 13.42
C SER B 136 28.57 -5.26 12.35
N GLY B 137 28.14 -4.06 12.70
CA GLY B 137 27.37 -3.24 11.79
C GLY B 137 28.30 -2.22 11.17
N HIS B 138 29.59 -2.53 11.20
CA HIS B 138 30.63 -1.67 10.65
C HIS B 138 30.31 -0.18 10.64
N VAL B 139 29.67 0.30 9.57
CA VAL B 139 29.36 1.72 9.47
C VAL B 139 27.88 2.08 9.49
N VAL B 140 27.55 3.01 10.36
CA VAL B 140 26.18 3.49 10.50
C VAL B 140 26.10 4.78 9.70
N LEU B 141 25.18 4.83 8.75
CA LEU B 141 24.99 6.00 7.90
C LEU B 141 23.70 6.72 8.23
N ARG B 142 23.75 8.05 8.19
CA ARG B 142 22.57 8.87 8.46
C ARG B 142 22.59 10.04 7.51
N TRP B 143 21.41 10.49 7.11
CA TRP B 143 21.30 11.62 6.19
C TRP B 143 20.06 12.45 6.39
N LEU B 144 19.87 13.43 5.51
CA LEU B 144 18.73 14.33 5.56
C LEU B 144 17.97 14.31 4.22
N PRO B 145 16.63 14.41 4.28
CA PRO B 145 15.85 14.41 3.03
C PRO B 145 16.28 15.61 2.17
N PRO B 146 15.95 15.59 0.88
CA PRO B 146 16.35 16.74 0.07
C PRO B 146 15.69 17.96 0.70
N PRO B 147 16.42 19.07 0.83
CA PRO B 147 15.86 20.29 1.44
C PRO B 147 14.61 20.79 0.73
N GLU B 148 13.71 21.40 1.50
CA GLU B 148 12.45 21.92 0.97
C GLU B 148 11.75 20.82 0.15
N THR B 149 11.12 19.89 0.86
CA THR B 149 10.44 18.77 0.24
C THR B 149 9.50 18.10 1.24
N PRO B 150 8.19 18.36 1.11
CA PRO B 150 7.16 17.80 1.98
C PRO B 150 6.98 16.30 1.82
N MET B 151 6.00 15.74 2.53
CA MET B 151 5.69 14.31 2.46
C MET B 151 6.89 13.39 2.67
N THR B 152 7.91 13.89 3.37
CA THR B 152 9.12 13.12 3.66
C THR B 152 8.85 11.67 4.06
N SER B 153 7.66 11.42 4.60
CA SER B 153 7.28 10.08 5.04
C SER B 153 7.33 9.03 3.96
N HIS B 154 7.24 9.45 2.69
CA HIS B 154 7.26 8.48 1.61
C HIS B 154 8.33 8.71 0.53
N ILE B 155 9.48 9.23 0.95
CA ILE B 155 10.62 9.46 0.06
C ILE B 155 11.52 8.23 0.24
N ARG B 156 11.90 7.60 -0.87
CA ARG B 156 12.76 6.43 -0.80
C ARG B 156 14.22 6.78 -1.09
N TYR B 157 15.14 6.04 -0.49
CA TYR B 157 16.56 6.32 -0.69
C TYR B 157 17.39 5.13 -1.17
N GLU B 158 18.56 5.44 -1.71
CA GLU B 158 19.46 4.43 -2.21
C GLU B 158 20.88 4.92 -1.94
N VAL B 159 21.61 4.15 -1.14
CA VAL B 159 22.97 4.53 -0.80
C VAL B 159 23.97 3.71 -1.62
N ASP B 160 25.07 4.35 -1.99
CA ASP B 160 26.12 3.69 -2.76
C ASP B 160 27.39 3.66 -1.93
N VAL B 161 28.05 2.52 -1.93
CA VAL B 161 29.29 2.34 -1.18
C VAL B 161 30.46 2.20 -2.15
N SER B 162 31.32 3.23 -2.19
CA SER B 162 32.48 3.23 -3.09
C SER B 162 33.76 2.72 -2.42
N ALA B 163 34.45 1.81 -3.10
CA ALA B 163 35.69 1.22 -2.60
C ALA B 163 36.91 2.11 -2.80
N GLY B 164 38.07 1.56 -2.51
CA GLY B 164 39.32 2.30 -2.65
C GLY B 164 40.01 2.12 -4.00
N GLN B 165 39.29 2.37 -5.08
CA GLN B 165 39.65 2.14 -6.49
C GLN B 165 40.64 0.96 -6.66
N GLY B 166 41.28 0.86 -7.82
CA GLY B 166 42.06 -0.31 -8.16
C GLY B 166 41.16 -1.44 -8.64
N ALA B 167 39.91 -1.40 -8.17
CA ALA B 167 38.90 -2.37 -8.53
C ALA B 167 37.62 -1.93 -7.82
N GLY B 168 37.47 -2.38 -6.57
CA GLY B 168 36.32 -2.03 -5.75
C GLY B 168 35.15 -1.44 -6.51
N SER B 169 34.40 -2.30 -7.18
CA SER B 169 33.24 -1.89 -7.98
C SER B 169 32.26 -1.01 -7.18
N VAL B 170 31.18 -1.62 -6.69
CA VAL B 170 30.18 -0.87 -5.93
C VAL B 170 29.50 -1.70 -4.85
N GLN B 171 28.41 -1.14 -4.33
CA GLN B 171 27.57 -1.75 -3.32
C GLN B 171 26.37 -0.83 -3.20
N ARG B 172 25.26 -1.23 -3.82
CA ARG B 172 24.03 -0.42 -3.82
C ARG B 172 23.03 -0.91 -2.78
N VAL B 173 22.60 -0.01 -1.90
CA VAL B 173 21.64 -0.38 -0.86
C VAL B 173 20.40 0.50 -0.88
N GLU B 174 19.24 -0.13 -0.95
CA GLU B 174 17.98 0.61 -0.99
C GLU B 174 17.43 0.77 0.43
N ILE B 175 17.15 2.01 0.81
CA ILE B 175 16.63 2.31 2.13
C ILE B 175 15.11 2.53 2.05
N LEU B 176 14.36 1.75 2.83
CA LEU B 176 12.90 1.88 2.85
C LEU B 176 12.49 3.34 2.94
N GLU B 177 11.40 3.70 2.28
CA GLU B 177 10.94 5.09 2.30
C GLU B 177 10.85 5.64 3.73
N GLY B 178 11.04 6.95 3.88
CA GLY B 178 10.98 7.58 5.18
C GLY B 178 12.20 7.36 6.08
N ARG B 179 12.84 6.19 5.97
CA ARG B 179 14.00 5.89 6.79
C ARG B 179 15.25 6.61 6.30
N THR B 180 15.86 7.41 7.18
CA THR B 180 17.04 8.18 6.85
C THR B 180 18.32 7.77 7.55
N GLU B 181 18.51 6.48 7.77
CA GLU B 181 19.71 5.97 8.41
C GLU B 181 19.78 4.48 8.22
N CYS B 182 20.99 3.94 8.16
CA CYS B 182 21.16 2.52 7.96
C CYS B 182 22.46 1.97 8.55
N VAL B 183 22.52 0.65 8.65
CA VAL B 183 23.69 -0.03 9.19
C VAL B 183 24.35 -0.79 8.04
N LEU B 184 25.57 -0.39 7.70
CA LEU B 184 26.29 -1.06 6.64
C LEU B 184 27.20 -2.11 7.26
N SER B 185 27.28 -3.26 6.61
CA SER B 185 28.09 -4.36 7.10
C SER B 185 29.02 -4.86 6.01
N ASN B 186 29.80 -5.88 6.33
CA ASN B 186 30.74 -6.46 5.39
C ASN B 186 31.66 -5.41 4.77
N LEU B 187 32.03 -4.44 5.59
CA LEU B 187 32.91 -3.36 5.18
C LEU B 187 34.34 -3.78 5.52
N ARG B 188 35.07 -4.21 4.49
CA ARG B 188 36.45 -4.65 4.67
C ARG B 188 37.27 -3.61 5.41
N GLY B 189 38.11 -4.06 6.33
CA GLY B 189 38.96 -3.15 7.08
C GLY B 189 40.15 -2.78 6.21
N ARG B 190 40.90 -1.75 6.63
CA ARG B 190 42.06 -1.32 5.87
C ARG B 190 41.60 -0.76 4.52
N THR B 191 40.44 -0.09 4.53
CA THR B 191 39.89 0.48 3.30
C THR B 191 39.22 1.83 3.53
N ARG B 192 39.37 2.73 2.56
CA ARG B 192 38.74 4.05 2.62
C ARG B 192 37.49 3.94 1.75
N TYR B 193 36.33 4.21 2.35
CA TYR B 193 35.06 4.10 1.64
C TYR B 193 34.38 5.45 1.48
N THR B 194 33.61 5.56 0.40
CA THR B 194 32.85 6.77 0.12
C THR B 194 31.42 6.35 -0.13
N PHE B 195 30.50 6.96 0.61
CA PHE B 195 29.10 6.65 0.48
C PHE B 195 28.30 7.88 0.08
N ALA B 196 27.37 7.70 -0.84
CA ALA B 196 26.50 8.79 -1.27
C ALA B 196 25.10 8.20 -1.20
N VAL B 197 24.08 9.05 -1.25
CA VAL B 197 22.70 8.56 -1.20
C VAL B 197 21.79 9.27 -2.22
N ARG B 198 20.90 8.48 -2.81
CA ARG B 198 19.93 8.96 -3.82
C ARG B 198 18.56 9.07 -3.14
N ALA B 199 17.59 9.62 -3.87
CA ALA B 199 16.22 9.75 -3.36
C ALA B 199 15.16 9.80 -4.46
N ARG B 200 13.95 9.38 -4.12
CA ARG B 200 12.83 9.40 -5.06
C ARG B 200 11.51 9.14 -4.35
N MET B 201 10.47 9.81 -4.83
CA MET B 201 9.12 9.65 -4.27
C MET B 201 8.66 8.21 -4.46
N ALA B 202 8.14 7.61 -3.40
CA ALA B 202 7.73 6.22 -3.44
C ALA B 202 6.26 5.93 -3.83
N GLU B 203 6.07 4.78 -4.46
CA GLU B 203 4.75 4.33 -4.83
C GLU B 203 4.02 3.99 -3.52
N PRO B 204 2.70 3.77 -3.56
CA PRO B 204 1.78 3.81 -4.70
C PRO B 204 1.24 5.19 -5.06
N SER B 205 1.43 6.16 -4.19
CA SER B 205 0.93 7.50 -4.46
C SER B 205 1.79 8.28 -5.44
N PHE B 206 3.10 8.05 -5.38
CA PHE B 206 4.00 8.78 -6.26
C PHE B 206 4.93 7.91 -7.07
N GLY B 207 5.94 8.54 -7.65
CA GLY B 207 6.90 7.82 -8.46
C GLY B 207 7.78 8.84 -9.16
N GLY B 208 8.71 8.36 -9.98
CA GLY B 208 9.59 9.28 -10.66
C GLY B 208 10.97 8.72 -10.88
N PHE B 209 11.98 9.56 -10.70
CA PHE B 209 13.35 9.14 -10.92
C PHE B 209 14.31 9.49 -9.78
N TRP B 210 15.38 8.72 -9.70
CA TRP B 210 16.42 8.87 -8.69
C TRP B 210 17.06 10.25 -8.80
N SER B 211 17.19 10.95 -7.69
CA SER B 211 17.80 12.28 -7.69
C SER B 211 19.29 12.16 -8.00
N GLU B 212 19.98 13.29 -7.98
CA GLU B 212 21.41 13.26 -8.21
C GLU B 212 21.92 12.74 -6.87
N TRP B 213 23.14 12.20 -6.85
CA TRP B 213 23.69 11.71 -5.59
C TRP B 213 23.97 12.89 -4.68
N SER B 214 23.99 12.64 -3.38
CA SER B 214 24.27 13.68 -2.41
C SER B 214 25.78 13.89 -2.39
N GLU B 215 26.24 14.91 -1.68
CA GLU B 215 27.68 15.12 -1.57
C GLU B 215 28.17 13.90 -0.82
N PRO B 216 29.32 13.33 -1.24
CA PRO B 216 29.83 12.15 -0.54
C PRO B 216 30.54 12.37 0.78
N VAL B 217 30.79 11.25 1.45
CA VAL B 217 31.46 11.23 2.74
C VAL B 217 32.35 9.98 2.73
N SER B 218 33.58 10.13 3.21
CA SER B 218 34.51 9.01 3.23
C SER B 218 34.84 8.58 4.66
N LEU B 219 35.20 7.31 4.79
CA LEU B 219 35.56 6.75 6.09
C LEU B 219 36.51 5.57 5.91
N LEU B 220 37.53 5.52 6.75
CA LEU B 220 38.51 4.45 6.67
C LEU B 220 38.19 3.36 7.67
N THR B 221 38.40 2.11 7.24
CA THR B 221 38.14 0.94 8.07
C THR B 221 39.46 0.22 8.31
N ASP C 9 -11.44 -29.78 5.54
CA ASP C 9 -10.73 -28.51 5.70
C ASP C 9 -9.93 -28.52 7.01
N PRO C 10 -8.87 -29.32 7.07
CA PRO C 10 -7.99 -29.45 8.24
C PRO C 10 -7.67 -28.14 8.98
N LYS C 11 -7.03 -27.21 8.28
CA LYS C 11 -6.65 -25.91 8.83
C LYS C 11 -7.79 -25.22 9.57
N PHE C 12 -8.96 -25.20 8.94
CA PHE C 12 -10.14 -24.58 9.55
C PHE C 12 -10.61 -25.41 10.73
N GLU C 13 -10.60 -26.72 10.55
CA GLU C 13 -11.02 -27.62 11.62
C GLU C 13 -10.15 -27.43 12.84
N SER C 14 -8.83 -27.51 12.64
CA SER C 14 -7.87 -27.37 13.73
C SER C 14 -7.91 -26.00 14.39
N LYS C 15 -8.29 -24.98 13.63
CA LYS C 15 -8.37 -23.61 14.15
C LYS C 15 -9.61 -23.44 14.99
N ALA C 16 -10.71 -24.02 14.54
CA ALA C 16 -11.99 -23.94 15.25
C ALA C 16 -11.87 -24.70 16.56
N ALA C 17 -10.84 -25.53 16.65
CA ALA C 17 -10.58 -26.33 17.85
C ALA C 17 -9.90 -25.44 18.88
N LEU C 18 -9.01 -24.59 18.39
CA LEU C 18 -8.28 -23.68 19.26
C LEU C 18 -9.25 -22.71 19.93
N LEU C 19 -10.16 -22.18 19.12
CA LEU C 19 -11.17 -21.24 19.60
C LEU C 19 -12.14 -21.91 20.55
N ALA C 20 -12.51 -23.14 20.24
CA ALA C 20 -13.43 -23.88 21.09
C ALA C 20 -12.78 -23.96 22.45
N ALA C 21 -11.46 -24.16 22.45
CA ALA C 21 -10.70 -24.25 23.69
C ALA C 21 -10.64 -22.88 24.35
N ARG C 22 -9.77 -22.02 23.83
CA ARG C 22 -9.59 -20.66 24.38
C ARG C 22 -10.90 -19.93 24.64
N GLY C 23 -11.73 -19.79 23.60
CA GLY C 23 -13.00 -19.09 23.73
C GLY C 23 -14.19 -19.86 24.26
N PRO C 24 -15.42 -19.45 23.89
CA PRO C 24 -16.66 -20.10 24.33
C PRO C 24 -17.26 -21.01 23.25
N GLU C 25 -18.19 -21.87 23.68
CA GLU C 25 -18.89 -22.78 22.76
C GLU C 25 -19.87 -21.87 22.01
N GLU C 26 -19.82 -20.59 22.40
CA GLU C 26 -20.66 -19.55 21.82
C GLU C 26 -20.36 -19.45 20.33
N LEU C 27 -20.77 -18.33 19.75
CA LEU C 27 -20.53 -18.11 18.34
C LEU C 27 -19.11 -17.59 18.16
N LEU C 28 -18.26 -18.41 17.55
CA LEU C 28 -16.87 -18.04 17.33
C LEU C 28 -16.63 -17.67 15.87
N CYS C 29 -15.93 -16.56 15.66
CA CYS C 29 -15.60 -16.06 14.33
C CYS C 29 -14.12 -15.73 14.25
N PHE C 30 -13.53 -15.92 13.08
CA PHE C 30 -12.13 -15.58 12.91
C PHE C 30 -11.78 -15.36 11.46
N THR C 31 -10.82 -14.46 11.22
CA THR C 31 -10.36 -14.19 9.87
C THR C 31 -8.91 -14.63 9.80
N GLU C 32 -8.48 -15.13 8.64
CA GLU C 32 -7.12 -15.60 8.48
C GLU C 32 -6.25 -14.68 7.64
N ARG C 33 -6.84 -14.08 6.62
CA ARG C 33 -6.10 -13.21 5.72
C ARG C 33 -6.73 -11.82 5.59
N LEU C 34 -7.62 -11.50 6.51
CA LEU C 34 -8.31 -10.21 6.54
C LEU C 34 -9.25 -9.95 5.38
N GLU C 35 -9.46 -10.95 4.52
CA GLU C 35 -10.35 -10.81 3.39
C GLU C 35 -11.30 -11.99 3.44
N ASP C 36 -11.66 -12.36 4.66
CA ASP C 36 -12.50 -13.52 4.88
C ASP C 36 -12.98 -13.53 6.32
N LEU C 37 -13.99 -14.34 6.57
CA LEU C 37 -14.53 -14.48 7.91
C LEU C 37 -15.46 -15.68 7.95
N VAL C 38 -15.24 -16.54 8.94
CA VAL C 38 -16.08 -17.71 9.13
C VAL C 38 -16.51 -17.67 10.58
N CYS C 39 -17.78 -17.96 10.81
CA CYS C 39 -18.31 -17.99 12.16
C CYS C 39 -18.87 -19.39 12.30
N PHE C 40 -18.88 -19.90 13.53
CA PHE C 40 -19.39 -21.25 13.75
C PHE C 40 -19.63 -21.53 15.22
N TRP C 41 -20.24 -22.68 15.48
CA TRP C 41 -20.54 -23.12 16.83
C TRP C 41 -20.76 -24.61 16.73
N GLU C 42 -20.44 -25.33 17.80
CA GLU C 42 -20.63 -26.76 17.82
C GLU C 42 -21.85 -27.03 18.68
N GLU C 43 -22.38 -28.25 18.58
CA GLU C 43 -23.53 -28.58 19.37
C GLU C 43 -23.84 -30.06 19.35
N ALA C 44 -24.31 -30.57 20.49
CA ALA C 44 -24.66 -31.96 20.65
C ALA C 44 -25.43 -32.46 19.42
N ALA C 45 -24.78 -33.31 18.60
CA ALA C 45 -25.39 -33.86 17.41
C ALA C 45 -26.84 -34.28 17.71
N SER C 46 -27.79 -33.80 16.91
CA SER C 46 -29.21 -34.10 17.10
C SER C 46 -29.77 -35.19 16.17
N ALA C 47 -30.52 -34.77 15.15
CA ALA C 47 -31.12 -35.69 14.17
C ALA C 47 -31.90 -34.88 13.13
N GLY C 48 -31.48 -34.98 11.87
CA GLY C 48 -32.13 -34.24 10.81
C GLY C 48 -32.12 -32.76 11.15
N VAL C 49 -32.88 -31.96 10.40
CA VAL C 49 -32.96 -30.52 10.66
C VAL C 49 -31.57 -29.94 10.91
N GLY C 50 -30.59 -30.37 10.13
CA GLY C 50 -29.23 -29.85 10.31
C GLY C 50 -29.19 -28.35 10.08
N PRO C 51 -28.38 -27.88 9.11
CA PRO C 51 -28.28 -26.44 8.83
C PRO C 51 -29.64 -25.71 8.83
N GLY C 52 -30.71 -26.45 8.53
CA GLY C 52 -32.03 -25.86 8.50
C GLY C 52 -32.51 -25.48 9.89
N GLN C 53 -32.00 -26.21 10.89
CA GLN C 53 -32.34 -25.97 12.29
C GLN C 53 -32.19 -24.51 12.65
N TYR C 54 -31.32 -23.79 11.94
CA TYR C 54 -31.08 -22.38 12.24
C TYR C 54 -30.95 -21.45 11.05
N SER C 55 -31.00 -20.16 11.36
CA SER C 55 -30.85 -19.11 10.36
C SER C 55 -29.78 -18.16 10.88
N PHE C 56 -28.72 -17.98 10.10
CA PHE C 56 -27.65 -17.09 10.49
C PHE C 56 -27.78 -15.79 9.72
N SER C 57 -28.06 -14.71 10.46
CA SER C 57 -28.21 -13.38 9.90
C SER C 57 -27.10 -12.46 10.40
N TYR C 58 -26.68 -11.51 9.55
CA TYR C 58 -25.66 -10.56 9.95
C TYR C 58 -25.99 -9.20 9.39
N GLN C 59 -25.39 -8.16 9.97
CA GLN C 59 -25.62 -6.82 9.48
C GLN C 59 -24.42 -5.93 9.74
N LEU C 60 -23.78 -5.47 8.67
CA LEU C 60 -22.67 -4.55 8.82
C LEU C 60 -23.36 -3.22 9.07
N GLU C 61 -22.84 -2.45 10.00
CA GLU C 61 -23.43 -1.16 10.35
C GLU C 61 -23.92 -0.34 9.15
N ASP C 62 -25.15 0.16 9.25
CA ASP C 62 -25.75 0.99 8.22
C ASP C 62 -26.18 0.27 6.93
N GLU C 63 -26.16 -1.06 6.94
CA GLU C 63 -26.55 -1.83 5.76
C GLU C 63 -27.69 -2.81 6.12
N PRO C 64 -28.38 -3.36 5.11
CA PRO C 64 -29.47 -4.30 5.37
C PRO C 64 -29.06 -5.65 5.94
N TRP C 65 -29.97 -6.23 6.73
CA TRP C 65 -29.76 -7.53 7.34
C TRP C 65 -29.63 -8.57 6.26
N LYS C 66 -28.55 -9.32 6.30
CA LYS C 66 -28.30 -10.35 5.32
C LYS C 66 -28.32 -11.70 5.98
N LEU C 67 -28.41 -12.74 5.17
CA LEU C 67 -28.43 -14.10 5.67
C LEU C 67 -27.14 -14.79 5.22
N CYS C 68 -26.71 -15.79 5.96
CA CYS C 68 -25.52 -16.52 5.58
C CYS C 68 -25.75 -18.02 5.62
N ARG C 69 -25.90 -18.61 4.44
CA ARG C 69 -26.12 -20.05 4.31
C ARG C 69 -25.21 -20.83 5.25
N LEU C 70 -25.83 -21.62 6.11
CA LEU C 70 -25.12 -22.43 7.09
C LEU C 70 -24.72 -23.76 6.51
N HIS C 71 -23.67 -24.33 7.09
CA HIS C 71 -23.19 -25.64 6.68
C HIS C 71 -23.05 -26.43 7.97
N GLN C 72 -23.24 -27.74 7.89
CA GLN C 72 -23.12 -28.60 9.05
C GLN C 72 -21.89 -29.45 8.84
N ALA C 73 -21.27 -29.92 9.92
CA ALA C 73 -20.08 -30.72 9.76
C ALA C 73 -19.80 -31.66 10.92
N PRO C 74 -19.13 -32.78 10.65
CA PRO C 74 -18.80 -33.76 11.69
C PRO C 74 -17.51 -33.33 12.39
N THR C 75 -17.65 -32.69 13.54
CA THR C 75 -16.48 -32.26 14.29
C THR C 75 -15.79 -33.53 14.74
N ALA C 76 -14.46 -33.59 14.56
CA ALA C 76 -13.68 -34.75 14.96
C ALA C 76 -13.67 -34.91 16.47
N ARG C 77 -14.85 -34.80 17.07
CA ARG C 77 -15.02 -34.93 18.51
C ARG C 77 -16.23 -35.83 18.77
N GLY C 78 -17.21 -35.73 17.88
CA GLY C 78 -18.41 -36.52 18.02
C GLY C 78 -19.64 -35.64 18.05
N ALA C 79 -19.42 -34.34 17.76
CA ALA C 79 -20.50 -33.36 17.75
C ALA C 79 -20.65 -32.80 16.34
N VAL C 80 -21.49 -31.77 16.21
CA VAL C 80 -21.70 -31.18 14.91
C VAL C 80 -21.46 -29.68 14.95
N ARG C 81 -20.67 -29.20 13.99
CA ARG C 81 -20.35 -27.78 13.91
C ARG C 81 -21.13 -27.15 12.74
N PHE C 82 -21.77 -26.03 13.01
CA PHE C 82 -22.50 -25.28 11.99
C PHE C 82 -21.59 -24.11 11.67
N TRP C 83 -21.32 -23.89 10.39
CA TRP C 83 -20.46 -22.78 10.01
C TRP C 83 -20.95 -22.02 8.79
N CYS C 84 -20.62 -20.73 8.77
CA CYS C 84 -20.97 -19.86 7.66
C CYS C 84 -19.75 -19.02 7.30
N SER C 85 -19.48 -18.92 6.00
CA SER C 85 -18.35 -18.14 5.51
C SER C 85 -18.94 -16.89 4.88
N LEU C 86 -18.65 -15.72 5.46
CA LEU C 86 -19.16 -14.45 4.96
C LEU C 86 -18.77 -14.12 3.53
N PRO C 87 -19.71 -13.56 2.74
CA PRO C 87 -19.33 -13.21 1.37
C PRO C 87 -18.12 -12.26 1.47
N THR C 88 -17.12 -12.41 0.62
CA THR C 88 -15.93 -11.54 0.70
C THR C 88 -16.24 -10.05 0.71
N ALA C 89 -17.25 -9.63 -0.04
CA ALA C 89 -17.60 -8.21 -0.09
C ALA C 89 -18.01 -7.69 1.29
N ASP C 90 -18.35 -8.58 2.20
CA ASP C 90 -18.79 -8.14 3.52
C ASP C 90 -17.77 -8.33 4.62
N THR C 91 -16.53 -8.67 4.26
CA THR C 91 -15.48 -8.89 5.25
C THR C 91 -14.67 -7.64 5.62
N SER C 92 -15.35 -6.51 5.74
CA SER C 92 -14.73 -5.22 6.08
C SER C 92 -14.16 -5.10 7.48
N SER C 93 -12.90 -4.67 7.56
CA SER C 93 -12.25 -4.46 8.85
C SER C 93 -12.73 -3.13 9.40
N PHE C 94 -12.57 -2.94 10.70
CA PHE C 94 -12.93 -1.69 11.38
C PHE C 94 -14.40 -1.24 11.32
N VAL C 95 -15.31 -2.14 10.97
CA VAL C 95 -16.73 -1.78 10.92
C VAL C 95 -17.56 -2.77 11.76
N PRO C 96 -18.37 -2.25 12.68
CA PRO C 96 -19.19 -3.15 13.51
C PRO C 96 -20.02 -4.18 12.71
N LEU C 97 -19.79 -5.46 13.03
CA LEU C 97 -20.49 -6.55 12.38
C LEU C 97 -21.39 -7.24 13.41
N GLU C 98 -22.70 -7.06 13.27
CA GLU C 98 -23.65 -7.67 14.18
C GLU C 98 -24.09 -9.01 13.64
N LEU C 99 -23.91 -10.05 14.45
CA LEU C 99 -24.28 -11.41 14.11
C LEU C 99 -25.42 -11.91 15.01
N ARG C 100 -26.26 -12.75 14.45
CA ARG C 100 -27.38 -13.31 15.19
C ARG C 100 -27.74 -14.68 14.64
N VAL C 101 -27.86 -15.66 15.53
CA VAL C 101 -28.23 -17.01 15.13
C VAL C 101 -29.60 -17.31 15.77
N THR C 102 -30.55 -17.75 14.95
CA THR C 102 -31.90 -18.07 15.40
C THR C 102 -32.23 -19.53 15.17
N ALA C 103 -32.80 -20.18 16.19
CA ALA C 103 -33.18 -21.58 16.08
C ALA C 103 -34.49 -21.68 15.31
N ALA C 104 -34.81 -22.88 14.85
CA ALA C 104 -36.03 -23.12 14.07
C ALA C 104 -37.30 -22.46 14.64
N SER C 105 -37.49 -22.53 15.95
CA SER C 105 -38.67 -21.96 16.57
C SER C 105 -38.77 -20.45 16.46
N GLY C 106 -37.66 -19.80 16.13
CA GLY C 106 -37.64 -18.36 16.01
C GLY C 106 -36.99 -17.70 17.20
N ALA C 107 -36.46 -18.52 18.11
CA ALA C 107 -35.80 -18.02 19.31
C ALA C 107 -34.32 -17.76 19.04
N PRO C 108 -33.79 -16.66 19.61
CA PRO C 108 -32.39 -16.31 19.42
C PRO C 108 -31.47 -17.27 20.17
N ARG C 109 -30.39 -17.68 19.53
CA ARG C 109 -29.43 -18.57 20.17
C ARG C 109 -28.16 -17.80 20.51
N TYR C 110 -27.68 -17.00 19.56
CA TYR C 110 -26.46 -16.22 19.75
C TYR C 110 -26.57 -14.80 19.22
N HIS C 111 -26.03 -13.84 19.97
CA HIS C 111 -26.03 -12.45 19.53
C HIS C 111 -24.71 -11.79 19.86
N ARG C 112 -23.94 -11.51 18.81
CA ARG C 112 -22.63 -10.89 18.97
C ARG C 112 -22.47 -9.67 18.07
N VAL C 113 -21.49 -8.85 18.41
CA VAL C 113 -21.12 -7.68 17.63
C VAL C 113 -19.61 -7.74 17.66
N ILE C 114 -19.01 -7.94 16.50
CA ILE C 114 -17.57 -8.06 16.40
C ILE C 114 -16.96 -7.08 15.41
N HIS C 115 -15.63 -7.02 15.41
CA HIS C 115 -14.87 -6.19 14.49
C HIS C 115 -13.93 -7.22 13.88
N ILE C 116 -14.06 -7.43 12.57
CA ILE C 116 -13.26 -8.43 11.86
C ILE C 116 -11.76 -8.35 12.14
N ASN C 117 -11.24 -7.15 12.30
CA ASN C 117 -9.81 -6.96 12.57
C ASN C 117 -9.38 -7.39 13.97
N GLU C 118 -10.37 -7.66 14.84
CA GLU C 118 -10.11 -8.06 16.21
C GLU C 118 -10.28 -9.54 16.49
N VAL C 119 -10.51 -10.33 15.44
CA VAL C 119 -10.67 -11.77 15.60
C VAL C 119 -9.82 -12.52 14.59
N VAL C 120 -8.58 -12.07 14.40
CA VAL C 120 -7.74 -12.75 13.42
C VAL C 120 -6.89 -13.91 13.99
N LEU C 121 -6.99 -15.05 13.31
CA LEU C 121 -6.22 -16.23 13.68
C LEU C 121 -5.38 -16.51 12.45
N LEU C 122 -4.14 -16.05 12.48
CA LEU C 122 -3.21 -16.21 11.37
C LEU C 122 -2.71 -17.63 11.17
N ASP C 123 -2.26 -17.91 9.95
CA ASP C 123 -1.68 -19.20 9.64
C ASP C 123 -0.32 -19.07 10.30
N ALA C 124 0.36 -20.19 10.53
CA ALA C 124 1.67 -20.14 11.19
C ALA C 124 2.79 -19.59 10.31
N PRO C 125 3.80 -18.96 10.92
CA PRO C 125 4.93 -18.43 10.15
C PRO C 125 5.60 -19.59 9.39
N VAL C 126 6.30 -19.29 8.30
CA VAL C 126 6.94 -20.34 7.53
C VAL C 126 8.41 -20.01 7.28
N GLY C 127 9.17 -21.03 6.90
CA GLY C 127 10.58 -20.85 6.58
C GLY C 127 11.53 -20.46 7.72
N LEU C 128 11.27 -20.99 8.90
CA LEU C 128 12.11 -20.69 10.06
C LEU C 128 13.51 -21.29 9.87
N VAL C 129 14.53 -20.44 9.93
CA VAL C 129 15.92 -20.87 9.79
C VAL C 129 16.73 -20.26 10.91
N ALA C 130 17.76 -20.99 11.37
CA ALA C 130 18.63 -20.52 12.45
C ALA C 130 20.08 -20.58 12.01
N ARG C 131 20.78 -19.46 12.12
CA ARG C 131 22.17 -19.41 11.74
C ARG C 131 23.02 -18.81 12.86
N LEU C 132 24.29 -19.17 12.89
CA LEU C 132 25.17 -18.62 13.89
C LEU C 132 25.64 -17.29 13.33
N ALA C 133 25.42 -16.23 14.10
CA ALA C 133 25.75 -14.88 13.69
C ALA C 133 27.15 -14.67 13.12
N ASP C 134 27.39 -13.43 12.72
CA ASP C 134 28.65 -13.02 12.12
C ASP C 134 29.72 -12.73 13.18
N GLU C 135 30.59 -13.70 13.41
CA GLU C 135 31.68 -13.57 14.38
C GLU C 135 31.24 -13.23 15.80
N SER C 136 29.94 -13.24 16.06
CA SER C 136 29.45 -12.96 17.40
C SER C 136 29.20 -14.31 18.04
N GLY C 137 28.88 -15.29 17.21
CA GLY C 137 28.59 -16.62 17.69
C GLY C 137 27.14 -16.73 18.15
N HIS C 138 26.41 -15.63 18.03
CA HIS C 138 25.00 -15.59 18.42
C HIS C 138 24.16 -16.38 17.43
N VAL C 139 22.93 -16.70 17.84
CA VAL C 139 22.01 -17.41 16.95
C VAL C 139 21.06 -16.36 16.38
N VAL C 140 20.96 -16.34 15.06
CA VAL C 140 20.07 -15.40 14.37
C VAL C 140 18.94 -16.24 13.80
N LEU C 141 17.71 -15.91 14.17
CA LEU C 141 16.53 -16.62 13.71
C LEU C 141 15.83 -15.79 12.66
N ARG C 142 15.53 -16.42 11.53
CA ARG C 142 14.83 -15.72 10.46
C ARG C 142 13.65 -16.58 10.06
N TRP C 143 12.56 -15.94 9.67
CA TRP C 143 11.38 -16.66 9.25
C TRP C 143 10.53 -15.78 8.36
N LEU C 144 9.53 -16.39 7.74
CA LEU C 144 8.62 -15.67 6.87
C LEU C 144 7.27 -15.54 7.57
N PRO C 145 6.55 -14.45 7.31
CA PRO C 145 5.26 -14.27 7.97
C PRO C 145 4.23 -15.21 7.35
N PRO C 146 3.03 -15.32 7.96
CA PRO C 146 2.01 -16.21 7.39
C PRO C 146 1.88 -15.89 5.91
N PRO C 147 1.90 -16.91 5.04
CA PRO C 147 1.78 -16.62 3.61
C PRO C 147 0.45 -15.98 3.19
N GLU C 148 0.52 -15.21 2.10
CA GLU C 148 -0.65 -14.52 1.53
C GLU C 148 -1.43 -13.70 2.53
N THR C 149 -0.72 -13.09 3.47
CA THR C 149 -1.34 -12.28 4.51
C THR C 149 -0.87 -10.82 4.47
N PRO C 150 -1.82 -9.87 4.49
CA PRO C 150 -1.52 -8.43 4.46
C PRO C 150 -1.24 -7.94 5.87
N MET C 151 -0.98 -6.65 6.01
CA MET C 151 -0.71 -6.05 7.31
C MET C 151 0.39 -6.79 8.07
N THR C 152 1.36 -7.34 7.34
CA THR C 152 2.46 -8.06 7.95
C THR C 152 3.27 -7.15 8.87
N SER C 153 3.18 -5.85 8.66
CA SER C 153 3.89 -4.88 9.48
C SER C 153 3.29 -4.88 10.88
N HIS C 154 2.07 -5.39 10.98
CA HIS C 154 1.37 -5.42 12.25
C HIS C 154 1.33 -6.80 12.89
N ILE C 155 2.12 -7.72 12.36
CA ILE C 155 2.17 -9.08 12.89
C ILE C 155 3.37 -9.22 13.82
N ARG C 156 3.12 -9.42 15.11
CA ARG C 156 4.21 -9.61 16.06
C ARG C 156 4.39 -11.11 16.22
N TYR C 157 5.52 -11.52 16.79
CA TYR C 157 5.79 -12.94 16.95
C TYR C 157 6.28 -13.35 18.33
N GLU C 158 6.29 -14.65 18.56
CA GLU C 158 6.77 -15.19 19.83
C GLU C 158 7.64 -16.39 19.51
N VAL C 159 8.88 -16.34 19.99
CA VAL C 159 9.81 -17.42 19.72
C VAL C 159 9.89 -18.37 20.89
N ASP C 160 9.92 -19.66 20.59
CA ASP C 160 10.05 -20.65 21.63
C ASP C 160 11.42 -21.25 21.41
N VAL C 161 12.25 -21.22 22.44
CA VAL C 161 13.59 -21.76 22.33
C VAL C 161 13.75 -22.78 23.43
N SER C 162 14.06 -24.01 23.04
CA SER C 162 14.25 -25.08 24.00
C SER C 162 15.46 -25.92 23.62
N ALA C 163 16.10 -26.50 24.64
CA ALA C 163 17.27 -27.34 24.44
C ALA C 163 18.13 -27.43 25.69
N GLY C 164 19.05 -28.39 25.68
CA GLY C 164 19.94 -28.61 26.80
C GLY C 164 20.21 -30.09 26.94
N GLN C 165 20.91 -30.46 28.01
CA GLN C 165 21.20 -31.82 28.36
C GLN C 165 19.95 -32.51 28.79
N GLY C 166 19.09 -32.98 27.87
CA GLY C 166 17.84 -33.60 28.28
C GLY C 166 17.10 -32.71 29.24
N ALA C 167 17.28 -31.40 29.08
CA ALA C 167 16.64 -30.42 29.93
C ALA C 167 15.97 -29.33 29.09
N GLY C 168 15.74 -29.65 27.81
CA GLY C 168 15.11 -28.70 26.91
C GLY C 168 13.67 -28.39 27.32
N SER C 169 13.49 -27.34 28.11
CA SER C 169 12.16 -26.95 28.58
C SER C 169 11.80 -25.49 28.30
N VAL C 170 11.96 -25.09 27.04
CA VAL C 170 11.63 -23.76 26.54
C VAL C 170 12.09 -22.47 27.23
N GLN C 171 11.59 -21.39 26.65
CA GLN C 171 11.80 -19.99 27.04
C GLN C 171 11.07 -19.28 25.89
N ARG C 172 10.37 -18.19 26.18
CA ARG C 172 9.65 -17.47 25.13
C ARG C 172 10.13 -16.04 24.99
N VAL C 173 10.37 -15.64 23.74
CA VAL C 173 10.83 -14.28 23.43
C VAL C 173 9.81 -13.56 22.54
N GLU C 174 9.41 -12.37 22.95
CA GLU C 174 8.44 -11.59 22.22
C GLU C 174 9.16 -10.76 21.16
N ILE C 175 8.67 -10.87 19.92
CA ILE C 175 9.27 -10.15 18.82
C ILE C 175 8.39 -8.97 18.41
N LEU C 176 9.03 -7.84 18.08
CA LEU C 176 8.34 -6.63 17.66
C LEU C 176 7.55 -6.91 16.38
N GLU C 177 6.39 -6.27 16.23
CA GLU C 177 5.55 -6.48 15.06
C GLU C 177 6.24 -6.00 13.78
N GLY C 178 6.10 -6.80 12.72
CA GLY C 178 6.73 -6.46 11.46
C GLY C 178 8.12 -7.05 11.36
N ARG C 179 8.73 -7.34 12.50
CA ARG C 179 10.08 -7.91 12.55
C ARG C 179 10.04 -9.43 12.41
N THR C 180 10.82 -9.96 11.48
CA THR C 180 10.88 -11.39 11.22
C THR C 180 12.27 -11.96 11.47
N GLU C 181 12.91 -11.45 12.51
CA GLU C 181 14.24 -11.89 12.89
C GLU C 181 14.33 -11.82 14.41
N CYS C 182 15.14 -12.69 15.00
CA CYS C 182 15.35 -12.73 16.44
C CYS C 182 16.77 -13.12 16.76
N VAL C 183 17.46 -12.30 17.54
CA VAL C 183 18.83 -12.58 17.94
C VAL C 183 18.90 -13.10 19.35
N LEU C 184 19.51 -14.27 19.52
CA LEU C 184 19.67 -14.88 20.83
C LEU C 184 21.15 -14.87 21.12
N SER C 185 21.55 -14.18 22.18
CA SER C 185 22.97 -14.07 22.51
C SER C 185 23.35 -14.62 23.88
N ASN C 186 22.41 -15.29 24.56
CA ASN C 186 22.70 -15.86 25.88
C ASN C 186 22.52 -17.36 25.91
N LEU C 187 22.53 -17.99 24.74
CA LEU C 187 22.35 -19.43 24.65
C LEU C 187 23.59 -20.18 25.14
N ARG C 188 23.36 -21.33 25.76
CA ARG C 188 24.46 -22.16 26.28
C ARG C 188 25.29 -22.77 25.16
N GLY C 189 26.61 -22.68 25.30
CA GLY C 189 27.51 -23.22 24.29
C GLY C 189 27.46 -24.73 24.17
N ARG C 190 27.82 -25.22 22.98
CA ARG C 190 27.83 -26.65 22.71
C ARG C 190 26.51 -27.32 23.12
N THR C 191 25.39 -26.72 22.69
CA THR C 191 24.05 -27.23 22.99
C THR C 191 23.16 -27.22 21.75
N ARG C 192 22.46 -28.33 21.52
CA ARG C 192 21.57 -28.43 20.37
C ARG C 192 20.20 -27.84 20.75
N TYR C 193 19.89 -26.68 20.16
CA TYR C 193 18.63 -25.99 20.46
C TYR C 193 17.57 -26.21 19.40
N THR C 194 16.33 -26.00 19.81
CA THR C 194 15.18 -26.16 18.93
C THR C 194 14.26 -24.96 19.09
N PHE C 195 14.02 -24.27 17.98
CA PHE C 195 13.17 -23.09 17.99
C PHE C 195 11.93 -23.22 17.09
N ALA C 196 10.93 -22.39 17.37
CA ALA C 196 9.68 -22.35 16.60
C ALA C 196 9.04 -21.00 16.83
N VAL C 197 8.28 -20.50 15.85
CA VAL C 197 7.60 -19.22 15.98
C VAL C 197 6.11 -19.33 15.76
N ARG C 198 5.37 -18.42 16.38
CA ARG C 198 3.91 -18.35 16.25
C ARG C 198 3.60 -16.86 16.05
N ALA C 199 2.51 -16.59 15.33
CA ALA C 199 2.12 -15.22 15.01
C ALA C 199 0.74 -14.78 15.51
N ARG C 200 0.56 -13.47 15.62
CA ARG C 200 -0.70 -12.87 16.04
C ARG C 200 -0.69 -11.37 15.75
N MET C 201 -1.84 -10.79 15.45
CA MET C 201 -1.93 -9.36 15.14
C MET C 201 -1.70 -8.51 16.38
N ALA C 202 -1.07 -7.35 16.17
CA ALA C 202 -0.75 -6.43 17.25
C ALA C 202 -1.87 -5.43 17.53
N GLU C 203 -2.11 -5.17 18.82
CA GLU C 203 -3.14 -4.20 19.21
C GLU C 203 -2.56 -2.82 19.00
N PRO C 204 -3.40 -1.78 19.04
CA PRO C 204 -4.83 -1.85 19.28
C PRO C 204 -5.62 -1.91 17.98
N SER C 205 -4.93 -1.65 16.87
CA SER C 205 -5.56 -1.66 15.55
C SER C 205 -6.13 -3.02 15.21
N PHE C 206 -5.46 -4.07 15.70
CA PHE C 206 -5.88 -5.43 15.45
C PHE C 206 -5.98 -6.28 16.72
N GLY C 207 -6.60 -7.44 16.59
CA GLY C 207 -6.74 -8.32 17.71
C GLY C 207 -6.90 -9.74 17.21
N GLY C 208 -6.86 -10.70 18.12
CA GLY C 208 -7.01 -12.07 17.72
C GLY C 208 -6.53 -13.08 18.73
N PHE C 209 -5.97 -14.18 18.23
CA PHE C 209 -5.49 -15.28 19.05
C PHE C 209 -4.23 -15.83 18.42
N TRP C 210 -3.35 -16.37 19.24
CA TRP C 210 -2.09 -16.92 18.73
C TRP C 210 -2.33 -17.92 17.62
N SER C 211 -1.42 -17.92 16.66
CA SER C 211 -1.47 -18.83 15.53
C SER C 211 -0.83 -20.13 15.99
N GLU C 212 -0.80 -21.10 15.07
CA GLU C 212 -0.19 -22.39 15.31
C GLU C 212 1.32 -22.13 15.30
N TRP C 213 2.10 -23.00 15.94
CA TRP C 213 3.54 -22.83 15.95
C TRP C 213 4.08 -23.24 14.59
N SER C 214 5.14 -22.56 14.15
CA SER C 214 5.78 -22.85 12.88
C SER C 214 6.54 -24.17 12.99
N GLU C 215 6.83 -24.81 11.86
CA GLU C 215 7.59 -26.04 11.92
C GLU C 215 8.88 -25.66 12.66
N PRO C 216 9.38 -26.56 13.52
CA PRO C 216 10.60 -26.25 14.26
C PRO C 216 11.92 -26.31 13.47
N VAL C 217 12.96 -25.78 14.09
CA VAL C 217 14.30 -25.74 13.54
C VAL C 217 15.31 -25.99 14.66
N SER C 218 16.25 -26.91 14.42
CA SER C 218 17.26 -27.27 15.41
C SER C 218 18.62 -26.67 15.07
N LEU C 219 19.37 -26.28 16.10
CA LEU C 219 20.70 -25.68 15.91
C LEU C 219 21.65 -26.01 17.04
N LEU C 220 22.86 -26.42 16.68
CA LEU C 220 23.90 -26.76 17.66
C LEU C 220 24.82 -25.55 17.87
N THR C 221 25.02 -25.16 19.13
CA THR C 221 25.87 -24.02 19.47
C THR C 221 27.34 -24.41 19.61
#